data_7UVG
#
_entry.id   7UVG
#
_cell.length_a   31.040
_cell.length_b   137.790
_cell.length_c   85.550
_cell.angle_alpha   90.000
_cell.angle_beta   90.000
_cell.angle_gamma   90.000
#
_symmetry.space_group_name_H-M   'C 2 2 21'
#
loop_
_entity.id
_entity.type
_entity.pdbx_description
1 polymer Coh5
2 non-polymer 1,2-ETHANEDIOL
3 non-polymer 'IODIDE ION'
4 water water
#
_entity_poly.entity_id   1
_entity_poly.type   'polypeptide(L)'
_entity_poly.pdbx_seq_one_letter_code
;HHHHHHENLYFQGVTATSNLFPEKQVTLSADKKTVKVTYMFQSKDKDMLDFQWDMNYDANVLKPTANTTRAKSFEYPKIG
SYVWNSLPGVIKANGNTLSLYDTTSKEIVFASAEFEVIDPEATATTVNLDVQVLRLSKVDPATDMEIGDEEVSVADKSIV
DQEVFDKYVVANNTVTDPDGSEE
;
_entity_poly.pdbx_strand_id   A
#
# COMPACT_ATOMS: atom_id res chain seq x y z
N LEU A 9 -8.26 24.07 -19.68
CA LEU A 9 -8.21 23.03 -18.59
C LEU A 9 -7.94 23.66 -17.23
N TYR A 10 -8.26 22.94 -16.15
CA TYR A 10 -8.42 23.52 -14.78
C TYR A 10 -7.91 22.61 -13.66
N PHE A 11 -7.49 21.36 -13.90
CA PHE A 11 -7.14 20.43 -12.80
C PHE A 11 -5.82 20.85 -12.14
N GLN A 12 -5.87 21.17 -10.86
CA GLN A 12 -4.69 21.39 -9.98
C GLN A 12 -4.98 20.76 -8.62
N GLY A 13 -4.05 19.94 -8.10
CA GLY A 13 -4.18 19.28 -6.79
C GLY A 13 -3.31 18.04 -6.68
N VAL A 14 -3.68 17.13 -5.77
CA VAL A 14 -2.89 15.92 -5.42
C VAL A 14 -3.23 14.81 -6.42
N THR A 15 -2.20 14.24 -7.05
CA THR A 15 -2.29 13.05 -7.95
C THR A 15 -1.80 11.82 -7.18
N ALA A 16 -2.74 10.93 -6.83
CA ALA A 16 -2.45 9.67 -6.11
C ALA A 16 -2.25 8.55 -7.12
N THR A 17 -1.01 8.07 -7.29
CA THR A 17 -0.64 7.03 -8.29
C THR A 17 0.02 5.84 -7.58
N SER A 18 0.19 4.74 -8.32
CA SER A 18 0.87 3.50 -7.88
C SER A 18 1.06 2.56 -9.08
N ASN A 19 2.01 1.62 -8.96
CA ASN A 19 2.27 0.56 -9.96
C ASN A 19 1.21 -0.55 -9.85
N LEU A 20 0.52 -0.64 -8.71
CA LEU A 20 -0.40 -1.76 -8.39
C LEU A 20 -1.86 -1.28 -8.26
N PHE A 21 -2.09 0.04 -8.16
CA PHE A 21 -3.43 0.64 -7.89
C PHE A 21 -3.71 1.75 -8.91
N PRO A 22 -4.98 1.92 -9.35
CA PRO A 22 -5.33 2.96 -10.32
C PRO A 22 -5.17 4.36 -9.73
N GLU A 23 -4.82 5.33 -10.58
CA GLU A 23 -4.53 6.72 -10.15
C GLU A 23 -5.85 7.40 -9.78
N LYS A 24 -5.80 8.32 -8.81
CA LYS A 24 -6.91 9.21 -8.41
C LYS A 24 -6.38 10.63 -8.29
N GLN A 25 -7.19 11.61 -8.68
CA GLN A 25 -6.86 13.06 -8.65
C GLN A 25 -7.88 13.77 -7.77
N VAL A 26 -7.43 14.48 -6.72
CA VAL A 26 -8.30 15.18 -5.75
C VAL A 26 -7.93 16.67 -5.74
N THR A 27 -8.94 17.54 -5.68
CA THR A 27 -8.83 19.01 -5.60
C THR A 27 -9.01 19.45 -4.15
N LEU A 28 -8.03 20.19 -3.60
CA LEU A 28 -8.04 20.71 -2.20
C LEU A 28 -8.17 22.24 -2.23
N LYS A 33 -8.07 21.10 3.09
CA LYS A 33 -6.98 21.30 4.08
C LYS A 33 -6.08 20.06 4.12
N THR A 34 -6.67 18.88 4.38
CA THR A 34 -5.96 17.58 4.50
C THR A 34 -6.45 16.62 3.42
N VAL A 35 -5.60 15.66 3.03
CA VAL A 35 -5.92 14.56 2.07
C VAL A 35 -5.46 13.23 2.66
N LYS A 36 -6.37 12.28 2.81
CA LYS A 36 -6.09 10.86 3.15
C LYS A 36 -6.06 10.04 1.86
N VAL A 37 -5.05 9.19 1.71
CA VAL A 37 -4.89 8.24 0.57
C VAL A 37 -4.76 6.82 1.14
N THR A 38 -5.72 5.94 0.83
CA THR A 38 -5.76 4.54 1.31
C THR A 38 -5.85 3.61 0.09
N TYR A 39 -4.86 2.72 -0.05
CA TYR A 39 -4.78 1.67 -1.10
C TYR A 39 -5.33 0.36 -0.53
N MET A 40 -6.44 -0.13 -1.08
CA MET A 40 -7.19 -1.32 -0.56
C MET A 40 -6.89 -2.53 -1.47
N PHE A 41 -6.52 -3.66 -0.86
CA PHE A 41 -6.06 -4.88 -1.57
C PHE A 41 -6.85 -6.11 -1.11
N GLN A 42 -7.21 -6.99 -2.04
CA GLN A 42 -7.78 -8.35 -1.75
C GLN A 42 -7.26 -9.35 -2.78
N SER A 43 -6.87 -10.54 -2.31
CA SER A 43 -6.40 -11.67 -3.15
C SER A 43 -7.44 -12.80 -3.11
N LYS A 44 -7.29 -13.79 -4.01
CA LYS A 44 -8.07 -15.04 -4.04
C LYS A 44 -7.11 -16.21 -3.75
N ASP A 45 -7.56 -17.18 -2.96
CA ASP A 45 -6.90 -18.48 -2.71
C ASP A 45 -5.65 -18.30 -1.84
N LYS A 46 -4.69 -17.47 -2.27
CA LYS A 46 -3.36 -17.32 -1.64
C LYS A 46 -3.28 -16.01 -0.84
N ASP A 47 -2.91 -16.12 0.44
CA ASP A 47 -2.76 -14.99 1.39
C ASP A 47 -1.35 -14.39 1.24
N MET A 48 -1.09 -13.25 1.87
CA MET A 48 0.13 -12.41 1.64
C MET A 48 1.28 -12.88 2.53
N LEU A 49 2.39 -13.29 1.91
CA LEU A 49 3.64 -13.76 2.58
C LEU A 49 4.50 -12.55 2.94
N ASP A 50 4.79 -11.70 1.96
CA ASP A 50 5.82 -10.63 2.06
C ASP A 50 5.38 -9.44 1.20
N PHE A 51 5.58 -8.21 1.71
CA PHE A 51 5.34 -6.96 0.95
C PHE A 51 6.35 -5.90 1.37
N GLN A 52 6.64 -4.98 0.45
CA GLN A 52 7.46 -3.76 0.69
C GLN A 52 6.90 -2.65 -0.19
N TRP A 53 6.57 -1.49 0.39
CA TRP A 53 6.15 -0.29 -0.37
C TRP A 53 6.81 0.98 0.19
N ASP A 54 7.06 1.93 -0.70
CA ASP A 54 7.47 3.32 -0.38
C ASP A 54 6.38 4.25 -0.91
N MET A 55 5.73 5.02 -0.03
CA MET A 55 4.79 6.10 -0.43
C MET A 55 5.59 7.41 -0.49
N ASN A 56 5.94 7.84 -1.71
CA ASN A 56 6.79 9.03 -1.99
C ASN A 56 5.87 10.25 -2.11
N TYR A 57 6.26 11.37 -1.48
CA TYR A 57 5.54 12.67 -1.54
C TYR A 57 6.57 13.81 -1.52
N ASP A 58 6.11 15.02 -1.82
CA ASP A 58 6.94 16.26 -1.81
C ASP A 58 6.89 16.88 -0.41
N ALA A 59 7.99 16.75 0.34
CA ALA A 59 8.13 17.20 1.76
C ALA A 59 7.91 18.72 1.87
N ASN A 60 8.10 19.46 0.78
CA ASN A 60 7.94 20.94 0.71
C ASN A 60 6.46 21.30 0.53
N VAL A 61 5.64 20.40 -0.03
CA VAL A 61 4.19 20.64 -0.30
C VAL A 61 3.35 19.97 0.80
N LEU A 62 3.59 18.67 1.06
CA LEU A 62 2.78 17.83 1.99
C LEU A 62 3.62 17.46 3.22
N LYS A 63 2.97 17.43 4.39
CA LYS A 63 3.56 16.98 5.68
C LYS A 63 2.64 15.93 6.29
N PRO A 64 3.16 14.74 6.70
CA PRO A 64 2.35 13.75 7.39
C PRO A 64 1.68 14.34 8.64
N THR A 65 0.37 14.11 8.81
CA THR A 65 -0.43 14.57 9.97
C THR A 65 -0.13 13.68 11.17
N ALA A 66 -0.73 13.98 12.32
CA ALA A 66 -0.65 13.17 13.57
C ALA A 66 -1.36 11.82 13.36
N ASN A 67 -2.24 11.73 12.35
CA ASN A 67 -3.02 10.52 12.02
C ASN A 67 -2.17 9.53 11.20
N THR A 68 -1.07 9.99 10.61
CA THR A 68 -0.09 9.14 9.87
C THR A 68 0.81 8.43 10.89
N THR A 69 0.42 7.23 11.30
CA THR A 69 1.10 6.42 12.33
C THR A 69 1.29 4.98 11.83
N ARG A 70 2.20 4.22 12.44
CA ARG A 70 2.41 2.78 12.20
C ARG A 70 1.07 2.05 12.26
N ALA A 71 0.26 2.35 13.28
CA ALA A 71 -1.03 1.70 13.60
C ALA A 71 -2.03 1.84 12.45
N LYS A 72 -2.06 3.01 11.79
CA LYS A 72 -3.07 3.36 10.75
C LYS A 72 -2.48 3.22 9.34
N SER A 73 -1.24 2.74 9.22
CA SER A 73 -0.48 2.63 7.94
C SER A 73 -0.92 1.39 7.16
N PHE A 74 -1.31 0.33 7.87
CA PHE A 74 -1.48 -1.04 7.33
C PHE A 74 -2.53 -1.78 8.17
N GLU A 75 -3.22 -2.75 7.57
CA GLU A 75 -4.32 -3.54 8.21
C GLU A 75 -3.83 -4.28 9.46
N TYR A 76 -2.62 -4.86 9.42
CA TYR A 76 -2.11 -5.83 10.43
C TYR A 76 -0.74 -5.43 10.96
N PRO A 77 -0.60 -4.26 11.62
CA PRO A 77 0.71 -3.77 12.05
C PRO A 77 1.38 -4.57 13.19
N LYS A 78 0.58 -5.31 13.98
CA LYS A 78 1.07 -6.09 15.15
C LYS A 78 1.42 -7.52 14.74
N ILE A 79 1.04 -7.94 13.53
CA ILE A 79 1.20 -9.34 13.03
C ILE A 79 2.49 -9.45 12.22
N GLY A 80 3.25 -10.54 12.42
CA GLY A 80 4.51 -10.83 11.74
C GLY A 80 5.57 -9.79 12.05
N SER A 81 6.57 -9.64 11.16
CA SER A 81 7.62 -8.61 11.24
C SER A 81 7.23 -7.42 10.37
N TYR A 82 6.54 -6.43 10.95
CA TYR A 82 6.12 -5.18 10.24
C TYR A 82 7.08 -4.05 10.60
N VAL A 83 7.76 -3.51 9.59
CA VAL A 83 8.65 -2.32 9.68
C VAL A 83 7.90 -1.12 9.09
N TRP A 84 7.74 -0.04 9.86
CA TRP A 84 7.15 1.24 9.41
C TRP A 84 8.07 2.39 9.87
N ASN A 85 8.52 3.21 8.92
CA ASN A 85 9.48 4.32 9.16
C ASN A 85 9.06 5.51 8.28
N SER A 86 8.67 6.62 8.91
CA SER A 86 8.27 7.88 8.23
C SER A 86 9.48 8.83 8.19
N LEU A 87 10.12 8.94 7.03
CA LEU A 87 11.30 9.80 6.79
C LEU A 87 10.89 10.99 5.92
N PRO A 88 11.70 12.07 5.86
CA PRO A 88 11.36 13.21 5.01
C PRO A 88 11.08 12.82 3.55
N GLY A 89 9.82 12.97 3.13
CA GLY A 89 9.37 12.79 1.72
C GLY A 89 9.01 11.35 1.38
N VAL A 90 9.26 10.39 2.28
CA VAL A 90 9.01 8.94 2.02
C VAL A 90 8.49 8.26 3.29
N ILE A 91 7.40 7.50 3.17
CA ILE A 91 6.91 6.52 4.19
C ILE A 91 7.31 5.12 3.71
N LYS A 92 8.28 4.50 4.38
CA LYS A 92 8.81 3.14 4.04
C LYS A 92 8.18 2.12 4.98
N ALA A 93 7.56 1.08 4.41
CA ALA A 93 6.93 -0.04 5.14
C ALA A 93 7.22 -1.38 4.45
N ASN A 94 7.42 -2.43 5.23
CA ASN A 94 7.55 -3.83 4.73
C ASN A 94 7.06 -4.79 5.82
N GLY A 95 6.36 -5.86 5.44
CA GLY A 95 5.85 -6.89 6.34
C GLY A 95 6.14 -8.28 5.82
N ASN A 96 6.30 -9.26 6.72
CA ASN A 96 6.50 -10.68 6.34
C ASN A 96 6.12 -11.58 7.52
N THR A 97 5.60 -12.77 7.22
CA THR A 97 5.26 -13.84 8.19
C THR A 97 4.96 -15.13 7.41
N LEU A 98 5.54 -16.25 7.83
CA LEU A 98 5.35 -17.56 7.16
C LEU A 98 3.91 -18.06 7.40
N SER A 99 3.21 -17.49 8.40
CA SER A 99 1.79 -17.76 8.73
C SER A 99 0.85 -16.94 7.83
N LEU A 100 1.39 -15.92 7.13
CA LEU A 100 0.74 -15.11 6.07
C LEU A 100 -0.23 -14.09 6.69
N TYR A 101 -0.38 -12.94 6.03
CA TYR A 101 -1.42 -11.91 6.31
C TYR A 101 -2.70 -12.27 5.54
N ASP A 102 -3.85 -12.17 6.20
CA ASP A 102 -5.18 -12.48 5.62
C ASP A 102 -5.57 -11.38 4.64
N THR A 103 -5.43 -11.64 3.34
CA THR A 103 -5.82 -10.73 2.24
C THR A 103 -6.92 -11.38 1.38
N THR A 104 -7.49 -12.50 1.85
CA THR A 104 -8.51 -13.30 1.10
C THR A 104 -9.92 -13.08 1.67
N SER A 105 -10.06 -13.06 2.99
CA SER A 105 -11.37 -13.04 3.70
C SER A 105 -12.11 -11.72 3.47
N LYS A 106 -11.37 -10.62 3.31
CA LYS A 106 -11.92 -9.26 3.09
C LYS A 106 -10.86 -8.38 2.40
N GLU A 107 -11.29 -7.24 1.85
CA GLU A 107 -10.38 -6.22 1.27
C GLU A 107 -9.71 -5.46 2.43
N ILE A 108 -8.38 -5.34 2.38
CA ILE A 108 -7.56 -4.82 3.52
C ILE A 108 -6.94 -3.46 3.13
N VAL A 109 -6.58 -2.67 4.14
CA VAL A 109 -5.67 -1.49 4.02
C VAL A 109 -4.26 -2.02 3.75
N PHE A 110 -3.80 -1.91 2.50
CA PHE A 110 -2.43 -2.31 2.07
C PHE A 110 -1.45 -1.20 2.46
N ALA A 111 -1.81 0.06 2.15
CA ALA A 111 -1.04 1.26 2.50
C ALA A 111 -2.02 2.43 2.69
N SER A 112 -1.83 3.22 3.76
CA SER A 112 -2.61 4.45 4.04
C SER A 112 -1.73 5.52 4.69
N ALA A 113 -1.99 6.78 4.38
CA ALA A 113 -1.35 7.96 4.99
C ALA A 113 -2.29 9.16 4.86
N GLU A 114 -2.24 10.09 5.82
CA GLU A 114 -2.97 11.38 5.78
C GLU A 114 -1.93 12.51 5.79
N PHE A 115 -2.06 13.45 4.85
CA PHE A 115 -1.10 14.57 4.65
C PHE A 115 -1.81 15.90 4.91
N GLU A 116 -1.07 16.87 5.45
CA GLU A 116 -1.49 18.28 5.64
C GLU A 116 -0.86 19.12 4.53
N VAL A 117 -1.68 19.91 3.82
CA VAL A 117 -1.21 20.93 2.83
C VAL A 117 -0.51 22.03 3.62
N ILE A 118 0.83 22.10 3.53
CA ILE A 118 1.69 23.07 4.27
C ILE A 118 1.26 24.49 3.89
N ASP A 119 1.35 24.83 2.60
CA ASP A 119 0.92 26.13 2.02
C ASP A 119 -0.37 25.91 1.22
N PRO A 120 -1.53 26.43 1.69
CA PRO A 120 -2.80 26.30 0.95
C PRO A 120 -2.76 26.77 -0.52
N GLU A 121 -1.84 27.68 -0.88
CA GLU A 121 -1.72 28.24 -2.26
C GLU A 121 -0.97 27.24 -3.16
N ALA A 122 -0.25 26.28 -2.57
CA ALA A 122 0.54 25.24 -3.28
C ALA A 122 -0.10 23.86 -3.03
N THR A 123 -0.92 23.39 -3.98
CA THR A 123 -1.74 22.15 -3.89
C THR A 123 -1.20 21.07 -4.83
N ALA A 124 -0.65 21.47 -5.99
CA ALA A 124 -0.26 20.59 -7.12
C ALA A 124 0.96 19.76 -6.72
N THR A 125 0.79 18.43 -6.58
CA THR A 125 1.87 17.51 -6.15
C THR A 125 1.44 16.06 -6.42
N THR A 126 2.41 15.13 -6.38
CA THR A 126 2.19 13.68 -6.60
C THR A 126 2.53 12.93 -5.32
N VAL A 127 1.58 12.13 -4.85
CA VAL A 127 1.81 11.05 -3.85
C VAL A 127 1.82 9.73 -4.64
N ASN A 128 2.92 8.97 -4.56
CA ASN A 128 3.13 7.73 -5.36
C ASN A 128 3.45 6.57 -4.42
N LEU A 129 2.63 5.51 -4.46
CA LEU A 129 2.90 4.24 -3.73
C LEU A 129 3.71 3.30 -4.64
N ASP A 130 5.02 3.23 -4.41
CA ASP A 130 5.93 2.28 -5.09
C ASP A 130 5.85 0.93 -4.34
N VAL A 131 5.05 0.00 -4.85
CA VAL A 131 4.95 -1.40 -4.33
C VAL A 131 6.13 -2.18 -4.90
N GLN A 132 7.20 -2.33 -4.11
CA GLN A 132 8.48 -2.97 -4.55
C GLN A 132 8.31 -4.49 -4.58
N VAL A 133 7.75 -5.06 -3.52
CA VAL A 133 7.56 -6.53 -3.33
C VAL A 133 6.12 -6.77 -2.86
N LEU A 134 5.42 -7.73 -3.48
CA LEU A 134 4.17 -8.33 -2.96
C LEU A 134 4.16 -9.82 -3.35
N ARG A 135 4.37 -10.70 -2.38
CA ARG A 135 4.38 -12.18 -2.57
C ARG A 135 3.20 -12.80 -1.83
N LEU A 136 2.51 -13.73 -2.49
CA LEU A 136 1.39 -14.53 -1.91
C LEU A 136 1.86 -15.97 -1.75
N SER A 137 1.19 -16.73 -0.89
CA SER A 137 1.40 -18.19 -0.71
C SER A 137 0.20 -18.81 -0.02
N LYS A 138 0.33 -20.08 0.41
CA LYS A 138 -0.72 -20.85 1.11
C LYS A 138 -0.03 -21.69 2.19
N VAL A 139 -0.61 -21.73 3.40
CA VAL A 139 -0.03 -22.47 4.56
C VAL A 139 -0.40 -23.94 4.45
N ASP A 140 0.50 -24.82 4.90
CA ASP A 140 0.22 -26.26 5.19
C ASP A 140 -0.56 -26.29 6.50
N PRO A 141 -1.85 -26.72 6.49
CA PRO A 141 -2.67 -26.74 7.71
C PRO A 141 -2.01 -27.44 8.90
N ALA A 142 -1.19 -28.47 8.64
CA ALA A 142 -0.46 -29.26 9.65
C ALA A 142 0.51 -28.38 10.45
N THR A 143 1.11 -27.38 9.80
CA THR A 143 2.20 -26.54 10.36
C THR A 143 1.75 -25.08 10.55
N ASP A 144 0.77 -24.60 9.76
CA ASP A 144 0.38 -23.17 9.67
C ASP A 144 1.59 -22.35 9.19
N MET A 145 2.41 -22.96 8.33
CA MET A 145 3.64 -22.36 7.74
C MET A 145 3.53 -22.44 6.21
N GLU A 146 3.84 -21.35 5.50
CA GLU A 146 3.65 -21.22 4.04
C GLU A 146 4.39 -22.36 3.32
N ILE A 147 3.80 -22.86 2.23
CA ILE A 147 4.42 -23.88 1.33
C ILE A 147 5.29 -23.14 0.31
N GLY A 148 6.62 -23.32 0.37
CA GLY A 148 7.60 -22.64 -0.49
C GLY A 148 7.25 -22.79 -1.97
N ASP A 149 6.73 -23.97 -2.35
CA ASP A 149 6.31 -24.31 -3.75
C ASP A 149 5.26 -23.31 -4.25
N GLU A 150 4.30 -22.92 -3.38
CA GLU A 150 3.07 -22.18 -3.76
C GLU A 150 3.30 -20.66 -3.74
N GLU A 151 4.53 -20.20 -3.48
CA GLU A 151 4.89 -18.76 -3.47
C GLU A 151 4.74 -18.19 -4.89
N VAL A 152 3.99 -17.09 -5.04
CA VAL A 152 3.82 -16.34 -6.32
C VAL A 152 4.10 -14.86 -6.04
N SER A 153 4.85 -14.20 -6.93
CA SER A 153 5.17 -12.75 -6.86
C SER A 153 4.16 -11.96 -7.69
N VAL A 154 3.28 -11.20 -7.05
CA VAL A 154 2.40 -10.19 -7.71
C VAL A 154 3.29 -9.04 -8.19
N ALA A 155 4.27 -8.64 -7.36
CA ALA A 155 5.22 -7.55 -7.63
C ALA A 155 6.63 -7.92 -7.12
N ASP A 156 7.66 -7.66 -7.93
CA ASP A 156 9.09 -7.78 -7.55
C ASP A 156 9.91 -6.78 -8.36
N LYS A 157 10.87 -6.10 -7.72
CA LYS A 157 11.71 -5.03 -8.33
C LYS A 157 10.80 -3.86 -8.74
N SER A 158 9.65 -3.70 -8.08
CA SER A 158 8.60 -2.69 -8.38
C SER A 158 7.93 -2.99 -9.73
N ILE A 159 8.09 -4.20 -10.26
CA ILE A 159 7.46 -4.67 -11.54
C ILE A 159 6.31 -5.62 -11.19
N VAL A 160 5.08 -5.27 -11.56
CA VAL A 160 3.86 -6.09 -11.33
C VAL A 160 3.79 -7.17 -12.41
N ASP A 161 3.65 -8.43 -12.02
CA ASP A 161 3.47 -9.59 -12.94
C ASP A 161 2.00 -9.66 -13.33
N GLN A 162 1.68 -9.32 -14.58
CA GLN A 162 0.28 -9.21 -15.10
C GLN A 162 -0.43 -10.56 -14.99
N GLU A 163 0.24 -11.66 -15.32
CA GLU A 163 -0.33 -13.03 -15.28
C GLU A 163 -0.74 -13.37 -13.84
N VAL A 164 0.18 -13.16 -12.89
CA VAL A 164 -0.03 -13.44 -11.43
C VAL A 164 -1.12 -12.50 -10.90
N PHE A 165 -1.10 -11.23 -11.31
CA PHE A 165 -2.09 -10.19 -10.91
C PHE A 165 -3.50 -10.67 -11.30
N ASP A 166 -3.71 -10.99 -12.58
CA ASP A 166 -5.01 -11.42 -13.16
C ASP A 166 -5.51 -12.68 -12.44
N LYS A 167 -4.60 -13.56 -12.03
CA LYS A 167 -4.90 -14.87 -11.42
C LYS A 167 -5.40 -14.70 -9.98
N TYR A 168 -4.72 -13.87 -9.17
CA TYR A 168 -4.82 -13.87 -7.69
C TYR A 168 -5.47 -12.60 -7.13
N VAL A 169 -5.27 -11.43 -7.75
CA VAL A 169 -5.77 -10.13 -7.23
C VAL A 169 -7.23 -9.95 -7.65
N VAL A 170 -8.13 -9.73 -6.68
CA VAL A 170 -9.61 -9.61 -6.89
C VAL A 170 -10.08 -8.19 -6.53
N ALA A 171 -9.27 -7.40 -5.80
CA ALA A 171 -9.54 -5.98 -5.48
C ALA A 171 -8.22 -5.22 -5.35
N ASN A 172 -8.13 -4.07 -6.03
CA ASN A 172 -6.97 -3.14 -5.96
C ASN A 172 -7.50 -1.71 -6.18
N ASN A 173 -8.00 -1.08 -5.10
CA ASN A 173 -8.75 0.20 -5.16
C ASN A 173 -7.93 1.31 -4.47
N THR A 174 -7.92 2.51 -5.07
CA THR A 174 -7.37 3.75 -4.49
C THR A 174 -8.53 4.59 -3.94
N VAL A 175 -8.62 4.73 -2.62
CA VAL A 175 -9.69 5.49 -1.92
C VAL A 175 -9.05 6.75 -1.31
N THR A 176 -9.55 7.93 -1.70
CA THR A 176 -9.09 9.25 -1.19
C THR A 176 -10.18 9.90 -0.34
N ASP A 177 -9.78 10.76 0.60
CA ASP A 177 -10.67 11.66 1.37
C ASP A 177 -10.03 13.05 1.40
N PRO A 178 -10.60 14.06 0.70
CA PRO A 178 -11.76 13.88 -0.18
C PRO A 178 -11.43 13.08 -1.44
#